data_5MHJ
#
_entry.id   5MHJ
#
_cell.length_a   127.254
_cell.length_b   39.084
_cell.length_c   90.443
_cell.angle_alpha   90.00
_cell.angle_beta   90.00
_cell.angle_gamma   90.00
#
_symmetry.space_group_name_H-M   'P 21 21 21'
#
loop_
_entity.id
_entity.type
_entity.pdbx_description
1 polymer 'Major viral transcription factor ICP4'
2 polymer "DNA (5'-D(P*CP*GP*AP*TP*CP*GP*TP*CP*C)-3')"
3 polymer "DNA (5'-D(P*CP*GP*AP*TP*CP*GP*TP*CP*C)-3')"
4 non-polymer 'ACETIC ACID'
5 non-polymer 'CHLORIDE ION'
6 water water
#
loop_
_entity_poly.entity_id
_entity_poly.type
_entity_poly.pdbx_seq_one_letter_code
_entity_poly.pdbx_strand_id
1 'polypeptide(L)'
;GPRRVELDADATSGAFYARYRDGYVSGEPWPGAGPPPPGRVLYGGLGDSRPGLWGAPEAEEARRRFEASGAPAAVWAPEL
GDAAQQYALITRLLYTPDAEAMGWLQNPRVVPGDVALDQACFRISGAARNSSSFITGSVARAVPHLGYAMAAGRFGWGLA
HAAAAVAMSRRYDRAQKGFLLTSLRRAYAPLLARENAALTG
;
A,B
2 'polydeoxyribonucleotide' (DC)(DC)(DG)(DA)(DT)(DC)(DG)(DT)(DC)(DC)(DA)(DC) E
3 'polydeoxyribonucleotide' (DG)(DT)(DG)(DG)(DA)(DC)(DG)(DA)(DT)(DC)(DG)(DG) F
#
# COMPACT_ATOMS: atom_id res chain seq x y z
N LEU A 7 -7.68 -11.63 -23.50
CA LEU A 7 -6.69 -11.69 -24.57
C LEU A 7 -5.29 -11.94 -24.01
N ASP A 8 -5.03 -11.41 -22.81
CA ASP A 8 -3.71 -11.54 -22.18
C ASP A 8 -3.69 -12.76 -21.24
N ALA A 9 -3.71 -13.94 -21.88
CA ALA A 9 -3.54 -15.17 -21.12
C ALA A 9 -2.17 -15.29 -20.49
N ASP A 10 -1.16 -14.61 -21.04
CA ASP A 10 0.18 -14.64 -20.46
C ASP A 10 0.18 -14.10 -19.04
N ALA A 11 -0.68 -13.12 -18.75
CA ALA A 11 -0.76 -12.53 -17.41
C ALA A 11 -1.71 -13.31 -16.49
N THR A 12 -2.92 -13.63 -16.97
CA THR A 12 -3.90 -14.30 -16.11
C THR A 12 -3.42 -15.68 -15.67
N SER A 13 -2.62 -16.36 -16.50
CA SER A 13 -2.06 -17.64 -16.13
C SER A 13 -0.89 -17.54 -15.16
N GLY A 14 -0.35 -16.34 -14.95
CA GLY A 14 0.78 -16.16 -14.07
C GLY A 14 2.14 -16.20 -14.73
N ALA A 15 2.21 -16.54 -16.02
CA ALA A 15 3.51 -16.69 -16.69
C ALA A 15 4.27 -15.37 -16.72
N PHE A 16 3.57 -14.27 -16.97
CA PHE A 16 4.23 -12.96 -17.02
C PHE A 16 4.88 -12.63 -15.68
N TYR A 17 4.13 -12.77 -14.59
CA TYR A 17 4.69 -12.45 -13.27
C TYR A 17 5.81 -13.41 -12.89
N ALA A 18 5.80 -14.63 -13.41
CA ALA A 18 6.89 -15.58 -13.15
C ALA A 18 8.20 -15.14 -13.78
N ARG A 19 8.16 -14.30 -14.81
CA ARG A 19 9.36 -13.83 -15.48
C ARG A 19 9.83 -12.46 -14.99
N TYR A 20 9.20 -11.92 -13.93
CA TYR A 20 9.49 -10.55 -13.53
C TYR A 20 10.96 -10.37 -13.13
N ARG A 21 11.53 -9.25 -13.56
N ARG A 21 11.53 -9.24 -13.56
CA ARG A 21 12.89 -8.87 -13.16
CA ARG A 21 12.90 -8.87 -13.23
C ARG A 21 13.06 -7.38 -13.46
C ARG A 21 13.05 -7.37 -13.46
N ASP A 22 13.99 -6.76 -12.74
CA ASP A 22 14.27 -5.34 -12.91
C ASP A 22 15.78 -5.12 -12.87
N GLY A 23 16.18 -3.89 -13.17
CA GLY A 23 17.58 -3.49 -13.16
C GLY A 23 18.08 -2.98 -11.84
N TYR A 24 17.24 -2.97 -10.81
CA TYR A 24 17.64 -2.48 -9.50
C TYR A 24 18.26 -3.60 -8.68
N VAL A 25 19.20 -3.22 -7.82
CA VAL A 25 19.93 -4.16 -6.98
C VAL A 25 19.63 -3.82 -5.52
N SER A 26 19.25 -4.82 -4.75
CA SER A 26 19.01 -4.63 -3.33
C SER A 26 20.32 -4.28 -2.63
N GLY A 27 20.27 -3.22 -1.82
CA GLY A 27 21.44 -2.73 -1.12
C GLY A 27 22.09 -1.53 -1.77
N GLU A 28 21.78 -1.25 -3.05
CA GLU A 28 22.32 -0.09 -3.75
C GLU A 28 21.31 1.05 -3.78
N PRO A 29 21.77 2.29 -3.72
CA PRO A 29 20.84 3.42 -3.59
C PRO A 29 19.92 3.57 -4.80
N TRP A 30 18.66 3.84 -4.53
CA TRP A 30 17.71 4.20 -5.57
C TRP A 30 18.21 5.46 -6.28
N PRO A 31 17.96 5.59 -7.58
CA PRO A 31 18.44 6.76 -8.32
C PRO A 31 17.97 8.06 -7.67
N GLY A 32 18.93 8.97 -7.46
CA GLY A 32 18.65 10.25 -6.85
C GLY A 32 18.56 10.25 -5.34
N ALA A 33 18.71 9.09 -4.70
CA ALA A 33 18.61 8.98 -3.26
C ALA A 33 20.00 8.90 -2.63
N GLY A 34 20.07 9.24 -1.35
CA GLY A 34 21.31 9.21 -0.62
C GLY A 34 21.14 9.70 0.80
N PRO A 35 22.22 9.65 1.58
CA PRO A 35 22.15 10.10 2.98
C PRO A 35 21.96 11.61 3.05
N PRO A 36 21.44 12.11 4.16
CA PRO A 36 21.30 13.56 4.31
C PRO A 36 22.65 14.22 4.53
N PRO A 37 22.76 15.52 4.27
CA PRO A 37 24.02 16.24 4.51
C PRO A 37 24.39 16.21 5.99
N PRO A 38 25.66 16.46 6.33
CA PRO A 38 26.05 16.49 7.75
C PRO A 38 25.27 17.53 8.53
N GLY A 39 24.89 17.16 9.75
CA GLY A 39 24.06 18.04 10.56
C GLY A 39 22.62 18.13 10.15
N ARG A 40 22.18 17.33 9.16
CA ARG A 40 20.81 17.37 8.69
C ARG A 40 20.26 15.95 8.61
N VAL A 41 18.93 15.84 8.60
CA VAL A 41 18.25 14.56 8.49
C VAL A 41 17.24 14.63 7.34
N LEU A 42 16.85 13.46 6.86
CA LEU A 42 15.94 13.39 5.72
C LEU A 42 14.55 13.83 6.12
N TYR A 43 13.90 14.63 5.26
CA TYR A 43 12.61 15.21 5.57
C TYR A 43 11.96 15.76 4.31
N GLY A 44 10.71 15.40 4.06
CA GLY A 44 10.01 15.89 2.89
C GLY A 44 10.18 15.03 1.66
N GLY A 45 10.35 15.67 0.50
CA GLY A 45 10.47 14.97 -0.76
C GLY A 45 11.84 14.32 -0.94
N LEU A 46 12.06 13.83 -2.16
CA LEU A 46 13.31 13.17 -2.47
C LEU A 46 14.46 14.18 -2.44
N GLY A 47 15.54 13.81 -1.74
CA GLY A 47 16.69 14.68 -1.59
C GLY A 47 16.51 15.82 -0.62
N ASP A 48 15.29 16.13 -0.21
CA ASP A 48 15.05 17.20 0.74
C ASP A 48 15.55 16.81 2.13
N SER A 49 15.85 17.81 2.95
CA SER A 49 16.37 17.55 4.28
C SER A 49 16.08 18.76 5.17
N ARG A 50 16.14 18.51 6.48
CA ARG A 50 16.04 19.52 7.52
C ARG A 50 17.18 19.33 8.49
N PRO A 51 17.60 20.39 9.20
CA PRO A 51 18.72 20.25 10.14
C PRO A 51 18.33 19.36 11.31
N GLY A 52 19.35 18.81 11.96
CA GLY A 52 19.11 17.93 13.08
C GLY A 52 18.72 18.69 14.34
N LEU A 53 18.02 18.00 15.23
CA LEU A 53 17.59 18.57 16.50
C LEU A 53 18.19 17.83 17.69
N TRP A 54 19.36 17.23 17.49
CA TRP A 54 20.04 16.53 18.58
C TRP A 54 20.32 17.50 19.72
N GLY A 55 19.90 17.10 20.92
CA GLY A 55 20.08 17.90 22.11
C GLY A 55 18.92 18.79 22.48
N ALA A 56 18.01 19.06 21.55
CA ALA A 56 16.83 19.84 21.87
C ALA A 56 16.00 19.11 22.92
N PRO A 57 15.28 19.85 23.77
CA PRO A 57 14.46 19.19 24.80
C PRO A 57 13.44 18.22 24.24
N GLU A 58 12.86 18.51 23.07
CA GLU A 58 11.87 17.62 22.48
C GLU A 58 12.52 16.31 22.02
N ALA A 59 13.67 16.41 21.34
CA ALA A 59 14.34 15.20 20.86
C ALA A 59 14.92 14.38 22.01
N GLU A 60 15.41 15.05 23.06
CA GLU A 60 16.01 14.32 24.16
C GLU A 60 14.95 13.59 24.98
N GLU A 61 13.78 14.20 25.17
CA GLU A 61 12.72 13.55 25.91
C GLU A 61 12.20 12.32 25.17
N ALA A 62 12.03 12.42 23.85
CA ALA A 62 11.48 11.30 23.10
C ALA A 62 12.48 10.16 22.99
N ARG A 63 13.77 10.48 22.82
CA ARG A 63 14.78 9.44 22.67
C ARG A 63 14.88 8.59 23.94
N ARG A 64 14.72 9.22 25.11
CA ARG A 64 14.78 8.46 26.35
C ARG A 64 13.59 7.53 26.50
N ARG A 65 12.38 8.00 26.16
CA ARG A 65 11.21 7.15 26.19
C ARG A 65 11.36 5.99 25.21
N PHE A 66 11.97 6.25 24.05
CA PHE A 66 12.15 5.20 23.04
C PHE A 66 13.14 4.14 23.51
N GLU A 67 14.22 4.57 24.18
CA GLU A 67 15.22 3.60 24.63
C GLU A 67 14.75 2.82 25.84
N ALA A 68 13.88 3.41 26.67
CA ALA A 68 13.39 2.75 27.88
C ALA A 68 12.26 1.78 27.61
N SER A 69 11.68 1.78 26.41
CA SER A 69 10.55 0.92 26.11
C SER A 69 10.90 -0.29 25.26
N GLY A 70 11.86 -0.17 24.34
CA GLY A 70 12.18 -1.26 23.44
C GLY A 70 11.15 -1.52 22.36
N ALA A 71 10.01 -0.84 22.39
CA ALA A 71 8.94 -0.94 21.42
C ALA A 71 9.06 0.17 20.38
N PRO A 72 8.43 0.02 19.22
CA PRO A 72 8.47 1.10 18.22
C PRO A 72 7.83 2.37 18.76
N ALA A 73 8.44 3.51 18.42
CA ALA A 73 7.92 4.80 18.87
C ALA A 73 6.64 5.16 18.11
N ALA A 74 5.71 5.80 18.82
CA ALA A 74 4.48 6.25 18.19
C ALA A 74 4.74 7.35 17.17
N VAL A 75 5.63 8.28 17.50
CA VAL A 75 6.05 9.34 16.57
C VAL A 75 7.57 9.28 16.50
N TRP A 76 8.09 8.95 15.31
CA TRP A 76 9.50 8.72 15.14
C TRP A 76 10.18 9.89 14.43
N ALA A 77 11.44 10.10 14.75
CA ALA A 77 12.30 11.08 14.11
C ALA A 77 13.70 10.51 14.03
N PRO A 78 14.49 10.94 13.04
CA PRO A 78 15.86 10.41 12.92
C PRO A 78 16.74 10.67 14.13
N GLU A 79 16.42 11.68 14.93
CA GLU A 79 17.22 11.96 16.13
C GLU A 79 17.01 10.91 17.21
N LEU A 80 15.98 10.09 17.11
CA LEU A 80 15.72 9.07 18.12
C LEU A 80 16.63 7.86 18.01
N GLY A 81 17.22 7.63 16.84
CA GLY A 81 18.15 6.52 16.68
C GLY A 81 18.20 6.05 15.23
N ASP A 82 18.65 4.81 15.07
CA ASP A 82 18.79 4.21 13.76
C ASP A 82 17.43 4.05 13.08
N ALA A 83 17.34 4.47 11.82
CA ALA A 83 16.12 4.20 11.05
C ALA A 83 15.94 2.70 10.83
N ALA A 84 17.04 1.96 10.69
CA ALA A 84 16.95 0.51 10.52
C ALA A 84 16.32 -0.16 11.73
N GLN A 85 16.52 0.39 12.92
CA GLN A 85 15.94 -0.23 14.12
C GLN A 85 14.44 -0.03 14.18
N GLN A 86 13.95 1.17 13.83
CA GLN A 86 12.51 1.42 13.82
C GLN A 86 11.84 0.68 12.68
N TYR A 87 12.52 0.57 11.53
CA TYR A 87 11.98 -0.24 10.44
C TYR A 87 11.86 -1.70 10.86
N ALA A 88 12.87 -2.23 11.54
CA ALA A 88 12.83 -3.62 11.97
C ALA A 88 11.72 -3.86 12.98
N LEU A 89 11.53 -2.92 13.91
CA LEU A 89 10.48 -3.09 14.91
C LEU A 89 9.10 -3.06 14.29
N ILE A 90 8.84 -2.13 13.37
CA ILE A 90 7.52 -2.02 12.77
C ILE A 90 7.25 -3.21 11.84
N THR A 91 8.25 -3.60 11.04
CA THR A 91 8.09 -4.77 10.19
C THR A 91 7.77 -6.02 11.00
N ARG A 92 8.47 -6.21 12.12
CA ARG A 92 8.18 -7.35 12.99
C ARG A 92 6.77 -7.24 13.56
N LEU A 93 6.40 -6.03 14.02
CA LEU A 93 5.06 -5.82 14.58
C LEU A 93 3.96 -6.19 13.60
N LEU A 94 4.19 -6.00 12.30
CA LEU A 94 3.18 -6.32 11.28
C LEU A 94 2.96 -7.82 11.14
N TYR A 95 3.86 -8.66 11.64
CA TYR A 95 3.69 -10.10 11.60
C TYR A 95 3.37 -10.72 12.95
N THR A 96 3.41 -9.94 14.05
CA THR A 96 3.20 -10.52 15.36
C THR A 96 1.71 -10.74 15.62
N PRO A 97 1.33 -11.90 16.14
CA PRO A 97 -0.10 -12.20 16.29
C PRO A 97 -0.75 -11.30 17.34
N ASP A 98 -2.02 -10.95 17.08
CA ASP A 98 -2.86 -10.20 18.01
C ASP A 98 -2.28 -8.83 18.35
N ALA A 99 -1.46 -8.27 17.45
CA ALA A 99 -0.86 -6.97 17.70
C ALA A 99 -1.75 -5.78 17.34
N GLU A 100 -2.76 -6.00 16.50
CA GLU A 100 -3.61 -4.91 16.01
C GLU A 100 -2.75 -3.81 15.36
N ALA A 101 -1.81 -4.23 14.51
CA ALA A 101 -0.83 -3.28 13.96
C ALA A 101 -1.47 -2.25 13.04
N MET A 102 -2.50 -2.63 12.29
CA MET A 102 -3.14 -1.67 11.40
C MET A 102 -3.84 -0.56 12.19
N GLY A 103 -4.46 -0.91 13.32
CA GLY A 103 -5.05 0.12 14.17
C GLY A 103 -4.01 1.00 14.82
N TRP A 104 -2.84 0.44 15.14
CA TRP A 104 -1.77 1.23 15.74
C TRP A 104 -1.15 2.19 14.73
N LEU A 105 -1.04 1.78 13.46
CA LEU A 105 -0.48 2.66 12.44
C LEU A 105 -1.39 3.83 12.14
N GLN A 106 -2.71 3.64 12.23
CA GLN A 106 -3.64 4.71 11.93
C GLN A 106 -3.79 5.67 13.11
N ASN A 107 -3.95 5.13 14.31
CA ASN A 107 -4.19 5.94 15.50
C ASN A 107 -3.42 5.36 16.68
N PRO A 108 -2.14 5.67 16.79
CA PRO A 108 -1.36 5.21 17.94
C PRO A 108 -1.62 6.05 19.18
N ARG A 109 -1.37 5.44 20.33
CA ARG A 109 -1.47 6.15 21.61
C ARG A 109 -0.34 7.16 21.71
N VAL A 110 -0.69 8.44 21.67
CA VAL A 110 0.29 9.53 21.58
C VAL A 110 0.32 10.27 22.92
N VAL A 111 1.52 10.47 23.45
CA VAL A 111 1.73 11.22 24.68
C VAL A 111 2.02 12.67 24.32
N PRO A 112 1.93 13.62 25.26
CA PRO A 112 2.26 15.02 24.92
C PRO A 112 3.66 15.21 24.35
N GLY A 113 4.62 14.35 24.74
CA GLY A 113 5.96 14.46 24.20
C GLY A 113 6.04 14.13 22.73
N ASP A 114 5.16 13.25 22.25
CA ASP A 114 5.15 12.90 20.82
C ASP A 114 4.68 14.08 19.98
N VAL A 115 3.65 14.80 20.45
CA VAL A 115 3.15 15.95 19.70
C VAL A 115 4.20 17.05 19.64
N ALA A 116 4.87 17.32 20.77
CA ALA A 116 5.91 18.34 20.77
C ALA A 116 7.04 17.99 19.82
N LEU A 117 7.44 16.71 19.78
CA LEU A 117 8.47 16.28 18.84
C LEU A 117 8.03 16.52 17.41
N ASP A 118 6.77 16.20 17.09
CA ASP A 118 6.25 16.42 15.74
C ASP A 118 6.22 17.90 15.39
N GLN A 119 5.78 18.74 16.31
CA GLN A 119 5.74 20.18 16.05
C GLN A 119 7.13 20.75 15.87
N ALA A 120 8.08 20.31 16.70
CA ALA A 120 9.45 20.81 16.58
C ALA A 120 10.11 20.33 15.29
N CYS A 121 9.73 19.15 14.79
CA CYS A 121 10.29 18.67 13.55
C CYS A 121 9.88 19.53 12.37
N PHE A 122 8.61 19.94 12.30
CA PHE A 122 8.18 20.84 11.25
C PHE A 122 8.71 22.25 11.48
N ARG A 123 8.84 22.66 12.74
CA ARG A 123 9.29 24.03 13.04
C ARG A 123 10.66 24.29 12.45
N ILE A 124 11.61 23.38 12.67
CA ILE A 124 12.97 23.60 12.17
C ILE A 124 13.03 23.47 10.65
N SER A 125 12.10 22.71 10.05
CA SER A 125 12.14 22.47 8.61
C SER A 125 12.07 23.78 7.81
N GLY A 126 11.53 24.84 8.38
CA GLY A 126 11.40 26.10 7.68
C GLY A 126 10.31 26.15 6.64
N ALA A 127 9.50 25.10 6.51
CA ALA A 127 8.42 25.11 5.55
C ALA A 127 7.36 26.14 5.95
N ALA A 128 6.67 26.67 4.94
CA ALA A 128 5.69 27.72 5.15
C ALA A 128 4.49 27.23 5.94
N ARG A 129 3.71 26.31 5.35
CA ARG A 129 2.46 25.84 5.92
C ARG A 129 2.51 24.35 6.15
N ASN A 130 2.09 23.92 7.34
CA ASN A 130 1.85 22.50 7.61
C ASN A 130 0.38 22.19 7.33
N SER A 131 0.14 21.09 6.62
CA SER A 131 -1.22 20.75 6.22
C SER A 131 -1.27 19.27 5.86
N SER A 132 -2.46 18.83 5.46
CA SER A 132 -2.62 17.47 4.97
C SER A 132 -1.91 17.25 3.63
N SER A 133 -1.56 18.34 2.94
CA SER A 133 -0.95 18.26 1.62
C SER A 133 0.57 18.28 1.66
N PHE A 134 1.17 18.59 2.81
CA PHE A 134 2.62 18.70 2.89
C PHE A 134 3.26 17.33 2.69
N ILE A 135 4.18 17.25 1.73
CA ILE A 135 4.89 16.01 1.46
C ILE A 135 5.92 15.80 2.56
N THR A 136 5.77 14.71 3.31
CA THR A 136 6.65 14.43 4.43
C THR A 136 7.59 13.24 4.21
N GLY A 137 7.28 12.37 3.25
CA GLY A 137 8.05 11.17 3.05
C GLY A 137 7.62 9.99 3.89
N SER A 138 6.57 10.13 4.69
CA SER A 138 6.02 9.02 5.47
C SER A 138 4.57 9.33 5.80
N VAL A 139 3.65 8.42 5.43
CA VAL A 139 2.24 8.66 5.67
C VAL A 139 1.88 8.49 7.15
N ALA A 140 2.64 7.69 7.88
CA ALA A 140 2.47 7.51 9.31
C ALA A 140 3.74 7.96 10.02
N ARG A 141 3.58 8.78 11.06
N ARG A 141 3.58 8.77 11.07
CA ARG A 141 4.74 9.35 11.76
CA ARG A 141 4.73 9.34 11.76
C ARG A 141 5.60 8.28 12.42
C ARG A 141 5.60 8.26 12.39
N ALA A 142 5.03 7.11 12.71
CA ALA A 142 5.82 6.04 13.32
C ALA A 142 6.79 5.43 12.31
N VAL A 143 6.45 5.48 11.02
CA VAL A 143 7.30 4.88 9.99
C VAL A 143 8.41 5.87 9.62
N PRO A 144 9.67 5.45 9.61
CA PRO A 144 10.76 6.37 9.24
C PRO A 144 10.62 6.88 7.82
N HIS A 145 11.35 7.95 7.54
CA HIS A 145 11.33 8.57 6.22
C HIS A 145 11.71 7.55 5.15
N LEU A 146 10.93 7.53 4.07
CA LEU A 146 11.17 6.56 3.00
C LEU A 146 12.55 6.73 2.38
N GLY A 147 13.14 7.93 2.46
CA GLY A 147 14.46 8.16 1.91
C GLY A 147 15.53 7.26 2.49
N TYR A 148 15.38 6.87 3.76
CA TYR A 148 16.35 5.95 4.35
C TYR A 148 16.25 4.57 3.72
N ALA A 149 15.05 4.16 3.29
CA ALA A 149 14.91 2.91 2.54
C ALA A 149 15.46 3.06 1.13
N MET A 150 15.21 4.21 0.49
CA MET A 150 15.73 4.45 -0.85
C MET A 150 17.25 4.53 -0.85
N ALA A 151 17.82 5.20 0.16
CA ALA A 151 19.28 5.33 0.23
C ALA A 151 19.94 3.98 0.49
N ALA A 152 19.31 3.14 1.31
CA ALA A 152 19.84 1.82 1.61
C ALA A 152 19.45 0.77 0.58
N GLY A 153 18.56 1.10 -0.36
CA GLY A 153 18.09 0.11 -1.31
C GLY A 153 17.34 -1.04 -0.67
N ARG A 154 16.55 -0.75 0.37
CA ARG A 154 15.85 -1.78 1.14
C ARG A 154 14.40 -1.81 0.68
N PHE A 155 14.12 -2.65 -0.32
CA PHE A 155 12.76 -2.74 -0.83
C PHE A 155 11.81 -3.37 0.19
N GLY A 156 12.34 -4.19 1.12
CA GLY A 156 11.51 -4.76 2.15
C GLY A 156 10.95 -3.75 3.13
N TRP A 157 11.60 -2.60 3.26
CA TRP A 157 11.11 -1.52 4.10
C TRP A 157 9.92 -0.79 3.48
N GLY A 158 9.56 -1.11 2.23
CA GLY A 158 8.35 -0.56 1.64
C GLY A 158 7.08 -1.11 2.24
N LEU A 159 7.14 -2.30 2.85
CA LEU A 159 5.95 -2.88 3.46
C LEU A 159 5.39 -1.94 4.53
N ALA A 160 6.25 -1.39 5.39
CA ALA A 160 5.79 -0.49 6.45
C ALA A 160 5.05 0.71 5.87
N HIS A 161 5.53 1.26 4.75
CA HIS A 161 4.85 2.39 4.13
C HIS A 161 3.56 1.96 3.44
N ALA A 162 3.59 0.85 2.71
CA ALA A 162 2.38 0.37 2.04
C ALA A 162 1.31 0.00 3.06
N ALA A 163 1.69 -0.68 4.14
CA ALA A 163 0.72 -1.01 5.17
C ALA A 163 0.17 0.25 5.83
N ALA A 164 1.04 1.24 6.07
CA ALA A 164 0.59 2.47 6.73
C ALA A 164 -0.33 3.28 5.82
N ALA A 165 -0.08 3.25 4.51
CA ALA A 165 -0.98 3.92 3.57
C ALA A 165 -2.37 3.31 3.61
N VAL A 166 -2.45 1.98 3.61
CA VAL A 166 -3.75 1.33 3.72
C VAL A 166 -4.40 1.64 5.06
N ALA A 167 -3.61 1.58 6.14
CA ALA A 167 -4.14 1.82 7.48
C ALA A 167 -4.63 3.26 7.65
N MET A 168 -3.97 4.22 7.01
CA MET A 168 -4.36 5.62 7.12
C MET A 168 -5.56 5.98 6.26
N SER A 169 -5.89 5.16 5.26
CA SER A 169 -7.00 5.47 4.38
C SER A 169 -8.34 5.35 5.10
N ARG A 170 -9.25 6.28 4.81
CA ARG A 170 -10.59 6.27 5.37
C ARG A 170 -11.58 5.49 4.51
N ARG A 171 -11.11 4.85 3.43
CA ARG A 171 -11.98 4.20 2.47
C ARG A 171 -12.20 2.72 2.74
N TYR A 172 -11.41 2.10 3.61
CA TYR A 172 -11.57 0.70 3.96
C TYR A 172 -11.96 0.58 5.43
N ASP A 173 -12.83 -0.40 5.74
CA ASP A 173 -13.17 -0.68 7.12
C ASP A 173 -12.16 -1.66 7.72
N ARG A 174 -12.40 -2.04 8.98
CA ARG A 174 -11.42 -2.86 9.70
C ARG A 174 -11.21 -4.22 9.04
N ALA A 175 -12.29 -4.88 8.63
CA ALA A 175 -12.17 -6.19 8.01
C ALA A 175 -11.45 -6.09 6.66
N GLN A 176 -11.74 -5.04 5.89
CA GLN A 176 -11.06 -4.87 4.60
C GLN A 176 -9.57 -4.62 4.80
N LYS A 177 -9.20 -3.84 5.81
CA LYS A 177 -7.79 -3.62 6.08
C LYS A 177 -7.10 -4.90 6.52
N GLY A 178 -7.79 -5.76 7.27
CA GLY A 178 -7.19 -7.01 7.70
C GLY A 178 -6.89 -7.95 6.54
N PHE A 179 -7.76 -7.95 5.52
CA PHE A 179 -7.48 -8.76 4.34
C PHE A 179 -6.25 -8.23 3.60
N LEU A 180 -6.11 -6.91 3.50
CA LEU A 180 -4.96 -6.32 2.81
C LEU A 180 -3.67 -6.54 3.58
N LEU A 181 -3.73 -6.57 4.92
CA LEU A 181 -2.54 -6.90 5.69
C LEU A 181 -2.11 -8.34 5.45
N THR A 182 -3.07 -9.27 5.41
CA THR A 182 -2.75 -10.66 5.08
C THR A 182 -2.12 -10.75 3.70
N SER A 183 -2.67 -10.02 2.73
CA SER A 183 -2.10 -10.02 1.38
C SER A 183 -0.68 -9.45 1.38
N LEU A 184 -0.47 -8.31 2.05
CA LEU A 184 0.86 -7.72 2.12
C LEU A 184 1.83 -8.65 2.85
N ARG A 185 1.38 -9.28 3.94
CA ARG A 185 2.22 -10.23 4.67
C ARG A 185 2.73 -11.33 3.75
N ARG A 186 1.84 -11.92 2.94
CA ARG A 186 2.23 -13.00 2.05
C ARG A 186 3.23 -12.51 1.01
N ALA A 187 3.01 -11.31 0.47
CA ALA A 187 3.86 -10.81 -0.60
C ALA A 187 5.27 -10.52 -0.09
N TYR A 188 5.39 -9.92 1.10
CA TYR A 188 6.67 -9.42 1.56
C TYR A 188 7.49 -10.44 2.34
N ALA A 189 6.86 -11.48 2.89
CA ALA A 189 7.60 -12.42 3.73
C ALA A 189 8.80 -13.04 3.01
N PRO A 190 8.68 -13.60 1.80
CA PRO A 190 9.89 -14.13 1.15
C PRO A 190 10.85 -13.04 0.71
N LEU A 191 10.36 -11.83 0.41
CA LEU A 191 11.26 -10.73 0.08
C LEU A 191 12.07 -10.30 1.30
N LEU A 192 11.41 -10.16 2.45
CA LEU A 192 12.12 -9.77 3.66
C LEU A 192 13.14 -10.82 4.08
N ALA A 193 12.78 -12.11 3.97
CA ALA A 193 13.71 -13.17 4.31
C ALA A 193 14.94 -13.14 3.41
N ARG A 194 14.74 -12.91 2.12
CA ARG A 194 15.87 -12.87 1.19
C ARG A 194 16.70 -11.60 1.40
N GLU A 195 16.03 -10.46 1.59
CA GLU A 195 16.75 -9.19 1.73
C GLU A 195 17.53 -9.15 3.04
N ASN A 196 16.94 -9.63 4.14
CA ASN A 196 17.63 -9.60 5.42
C ASN A 196 18.83 -10.53 5.43
N ALA A 197 18.69 -11.71 4.80
CA ALA A 197 19.80 -12.65 4.76
C ALA A 197 20.97 -12.11 3.95
N ALA A 198 20.69 -11.38 2.87
CA ALA A 198 21.76 -10.88 2.00
C ALA A 198 22.47 -9.69 2.62
N LEU A 199 21.71 -8.72 3.16
CA LEU A 199 22.25 -7.49 3.73
C LEU A 199 22.76 -7.67 5.16
N THR A 200 23.17 -8.88 5.53
CA THR A 200 23.75 -9.13 6.85
C THR A 200 24.96 -10.04 6.74
N ASP B 8 17.15 -10.62 18.94
CA ASP B 8 16.24 -10.55 17.80
C ASP B 8 16.93 -11.01 16.52
N ALA B 9 17.86 -11.96 16.66
CA ALA B 9 18.60 -12.47 15.52
C ALA B 9 17.73 -13.27 14.56
N ASP B 10 16.60 -13.80 15.05
CA ASP B 10 15.71 -14.58 14.19
C ASP B 10 15.09 -13.71 13.11
N ALA B 11 14.71 -12.47 13.45
CA ALA B 11 14.14 -11.57 12.47
C ALA B 11 15.22 -10.84 11.66
N THR B 12 16.35 -10.51 12.27
CA THR B 12 17.41 -9.82 11.55
C THR B 12 18.01 -10.71 10.47
N SER B 13 18.23 -11.99 10.77
CA SER B 13 18.77 -12.91 9.77
C SER B 13 17.77 -13.26 8.70
N GLY B 14 16.49 -12.92 8.88
CA GLY B 14 15.46 -13.24 7.92
C GLY B 14 14.79 -14.59 8.13
N ALA B 15 15.29 -15.41 9.06
CA ALA B 15 14.72 -16.73 9.26
C ALA B 15 13.27 -16.66 9.72
N PHE B 16 12.91 -15.65 10.51
CA PHE B 16 11.52 -15.50 10.96
C PHE B 16 10.58 -15.31 9.78
N TYR B 17 10.96 -14.45 8.83
CA TYR B 17 10.07 -14.18 7.71
C TYR B 17 10.01 -15.35 6.74
N ALA B 18 11.09 -16.14 6.64
CA ALA B 18 11.06 -17.33 5.80
C ALA B 18 10.15 -18.41 6.37
N ARG B 19 9.86 -18.37 7.67
CA ARG B 19 9.02 -19.37 8.32
C ARG B 19 7.57 -18.95 8.43
N TYR B 20 7.25 -17.67 8.21
CA TYR B 20 5.89 -17.19 8.45
C TYR B 20 4.90 -17.89 7.52
N ARG B 21 3.79 -18.34 8.10
CA ARG B 21 2.71 -18.96 7.35
C ARG B 21 1.38 -18.58 7.98
N ASP B 22 0.41 -18.23 7.16
CA ASP B 22 -0.95 -18.02 7.62
C ASP B 22 -1.76 -19.29 7.42
N GLY B 23 -3.03 -19.23 7.80
CA GLY B 23 -3.94 -20.36 7.69
C GLY B 23 -4.93 -20.29 6.55
N TYR B 24 -4.80 -19.31 5.65
CA TYR B 24 -5.74 -19.14 4.57
C TYR B 24 -5.25 -19.87 3.32
N VAL B 25 -6.18 -20.08 2.39
CA VAL B 25 -5.92 -20.78 1.14
C VAL B 25 -6.39 -19.90 -0.01
N SER B 26 -5.52 -19.67 -0.98
CA SER B 26 -5.91 -18.93 -2.17
C SER B 26 -7.10 -19.61 -2.84
N GLY B 27 -8.07 -18.80 -3.26
CA GLY B 27 -9.27 -19.29 -3.90
C GLY B 27 -10.44 -19.52 -2.97
N GLU B 28 -10.20 -19.62 -1.67
CA GLU B 28 -11.26 -19.85 -0.69
C GLU B 28 -11.81 -18.52 -0.18
N PRO B 29 -13.12 -18.45 0.08
CA PRO B 29 -13.71 -17.18 0.54
C PRO B 29 -13.11 -16.73 1.86
N TRP B 30 -12.87 -15.42 1.95
CA TRP B 30 -12.43 -14.83 3.21
C TRP B 30 -13.58 -14.89 4.22
N PRO B 31 -13.27 -15.09 5.51
CA PRO B 31 -14.35 -15.15 6.52
C PRO B 31 -15.21 -13.91 6.49
N GLY B 32 -16.53 -14.11 6.50
CA GLY B 32 -17.48 -13.04 6.44
C GLY B 32 -17.65 -12.41 5.07
N ALA B 33 -16.96 -12.92 4.05
CA ALA B 33 -17.03 -12.38 2.70
C ALA B 33 -17.65 -13.40 1.76
N GLY B 34 -18.32 -12.90 0.74
CA GLY B 34 -18.95 -13.75 -0.25
C GLY B 34 -19.48 -12.92 -1.38
N PRO B 35 -20.12 -13.57 -2.37
CA PRO B 35 -20.70 -12.82 -3.47
C PRO B 35 -21.88 -11.99 -2.98
N PRO B 36 -22.22 -10.91 -3.68
CA PRO B 36 -23.38 -10.11 -3.30
C PRO B 36 -24.66 -10.91 -3.49
N PRO B 37 -25.77 -10.47 -2.91
CA PRO B 37 -27.04 -11.15 -3.15
C PRO B 37 -27.40 -11.10 -4.62
N PRO B 38 -28.16 -12.08 -5.11
CA PRO B 38 -28.56 -12.08 -6.52
C PRO B 38 -29.32 -10.81 -6.87
N GLY B 39 -28.88 -10.15 -7.95
CA GLY B 39 -29.45 -8.88 -8.34
C GLY B 39 -28.77 -7.66 -7.73
N ARG B 40 -27.76 -7.84 -6.89
CA ARG B 40 -27.08 -6.75 -6.23
C ARG B 40 -25.58 -6.85 -6.48
N VAL B 41 -24.86 -5.76 -6.19
CA VAL B 41 -23.41 -5.71 -6.36
C VAL B 41 -22.78 -5.18 -5.08
N LEU B 42 -21.54 -5.58 -4.84
CA LEU B 42 -20.86 -5.23 -3.59
C LEU B 42 -20.67 -3.73 -3.47
N TYR B 43 -20.83 -3.23 -2.25
CA TYR B 43 -20.80 -1.79 -2.00
C TYR B 43 -20.40 -1.54 -0.56
N GLY B 44 -19.70 -0.43 -0.34
CA GLY B 44 -19.40 -0.01 1.03
C GLY B 44 -18.48 -0.96 1.75
N GLY B 45 -18.82 -1.25 3.00
CA GLY B 45 -18.01 -2.10 3.84
C GLY B 45 -18.23 -3.58 3.55
N LEU B 46 -17.72 -4.41 4.44
CA LEU B 46 -17.81 -5.86 4.26
C LEU B 46 -19.26 -6.31 4.40
N GLY B 47 -19.72 -7.09 3.41
CA GLY B 47 -21.05 -7.65 3.44
C GLY B 47 -22.14 -6.78 2.88
N ASP B 48 -21.92 -5.47 2.78
CA ASP B 48 -22.95 -4.58 2.27
C ASP B 48 -23.01 -4.65 0.74
N SER B 49 -24.13 -4.19 0.19
CA SER B 49 -24.34 -4.25 -1.25
C SER B 49 -25.42 -3.26 -1.64
N ARG B 50 -25.47 -2.95 -2.93
CA ARG B 50 -26.46 -2.06 -3.53
C ARG B 50 -27.10 -2.75 -4.72
N PRO B 51 -28.32 -2.37 -5.09
CA PRO B 51 -28.98 -2.97 -6.26
C PRO B 51 -28.19 -2.70 -7.54
N GLY B 52 -28.43 -3.57 -8.53
CA GLY B 52 -27.69 -3.46 -9.78
C GLY B 52 -28.29 -2.44 -10.74
N LEU B 53 -27.47 -2.04 -11.71
CA LEU B 53 -27.84 -1.06 -12.72
C LEU B 53 -27.61 -1.60 -14.12
N TRP B 54 -27.71 -2.92 -14.30
CA TRP B 54 -27.21 -3.55 -15.52
C TRP B 54 -27.95 -3.06 -16.76
N GLY B 55 -29.24 -2.76 -16.64
CA GLY B 55 -29.99 -2.28 -17.78
C GLY B 55 -30.00 -0.77 -17.95
N ALA B 56 -29.33 -0.03 -17.07
CA ALA B 56 -29.38 1.41 -17.12
C ALA B 56 -28.58 1.94 -18.32
N PRO B 57 -28.95 3.11 -18.85
CA PRO B 57 -28.20 3.67 -19.99
C PRO B 57 -26.77 4.02 -19.65
N GLU B 58 -26.52 4.64 -18.49
CA GLU B 58 -25.16 5.01 -18.12
C GLU B 58 -24.28 3.77 -17.98
N ALA B 59 -24.84 2.68 -17.46
CA ALA B 59 -24.08 1.44 -17.36
C ALA B 59 -23.80 0.85 -18.75
N GLU B 60 -24.72 1.02 -19.69
CA GLU B 60 -24.49 0.52 -21.04
C GLU B 60 -23.60 1.45 -21.86
N GLU B 61 -23.69 2.76 -21.64
CA GLU B 61 -22.82 3.69 -22.35
C GLU B 61 -21.37 3.50 -21.95
N ALA B 62 -21.10 3.13 -20.70
CA ALA B 62 -19.74 2.91 -20.25
C ALA B 62 -19.29 1.48 -20.47
N ARG B 63 -20.22 0.54 -20.65
CA ARG B 63 -19.84 -0.85 -20.92
C ARG B 63 -19.27 -0.99 -22.32
N ARG B 64 -20.00 -0.49 -23.33
CA ARG B 64 -19.50 -0.58 -24.70
C ARG B 64 -18.25 0.28 -24.90
N ARG B 65 -18.09 1.33 -24.09
CA ARG B 65 -16.83 2.06 -24.09
C ARG B 65 -15.70 1.20 -23.52
N PHE B 66 -15.97 0.50 -22.41
CA PHE B 66 -14.96 -0.37 -21.82
C PHE B 66 -14.73 -1.62 -22.66
N GLU B 67 -15.74 -2.05 -23.42
CA GLU B 67 -15.58 -3.23 -24.26
C GLU B 67 -14.92 -2.92 -25.59
N ALA B 68 -15.04 -1.69 -26.07
CA ALA B 68 -14.37 -1.31 -27.31
C ALA B 68 -12.86 -1.20 -27.11
N SER B 69 -12.44 -0.49 -26.07
CA SER B 69 -11.03 -0.34 -25.75
C SER B 69 -10.61 -1.46 -24.80
N GLY B 70 -9.59 -2.22 -25.20
CA GLY B 70 -9.12 -3.33 -24.39
C GLY B 70 -8.33 -2.92 -23.16
N ALA B 71 -8.39 -1.63 -22.82
CA ALA B 71 -7.72 -1.06 -21.66
C ALA B 71 -8.66 -1.06 -20.46
N PRO B 72 -8.11 -1.01 -19.25
CA PRO B 72 -8.98 -0.94 -18.07
C PRO B 72 -9.78 0.35 -18.03
N ALA B 73 -10.98 0.26 -17.46
CA ALA B 73 -11.83 1.43 -17.33
C ALA B 73 -11.26 2.41 -16.30
N ALA B 74 -11.48 3.70 -16.54
CA ALA B 74 -11.02 4.72 -15.61
C ALA B 74 -11.88 4.76 -14.35
N VAL B 75 -13.19 4.54 -14.50
CA VAL B 75 -14.12 4.46 -13.39
C VAL B 75 -14.88 3.16 -13.54
N TRP B 76 -14.57 2.19 -12.69
CA TRP B 76 -15.13 0.86 -12.85
C TRP B 76 -16.37 0.68 -11.98
N ALA B 77 -17.25 -0.21 -12.44
CA ALA B 77 -18.46 -0.58 -11.73
C ALA B 77 -18.78 -2.01 -12.11
N PRO B 78 -19.41 -2.78 -11.22
CA PRO B 78 -19.70 -4.19 -11.54
C PRO B 78 -20.61 -4.36 -12.76
N GLU B 79 -21.34 -3.33 -13.15
CA GLU B 79 -22.21 -3.41 -14.32
C GLU B 79 -21.44 -3.37 -15.63
N LEU B 80 -20.13 -3.12 -15.60
CA LEU B 80 -19.34 -3.05 -16.82
C LEU B 80 -18.78 -4.39 -17.25
N GLY B 81 -18.74 -5.37 -16.35
CA GLY B 81 -18.16 -6.66 -16.66
C GLY B 81 -17.75 -7.37 -15.39
N ASP B 82 -16.95 -8.41 -15.58
CA ASP B 82 -16.50 -9.22 -14.45
C ASP B 82 -15.32 -8.57 -13.75
N ALA B 83 -15.35 -8.58 -12.42
CA ALA B 83 -14.30 -7.93 -11.64
C ALA B 83 -12.94 -8.56 -11.93
N ALA B 84 -12.90 -9.86 -12.22
CA ALA B 84 -11.63 -10.53 -12.47
C ALA B 84 -10.90 -9.95 -13.67
N GLN B 85 -11.63 -9.43 -14.65
N GLN B 85 -11.63 -9.43 -14.65
CA GLN B 85 -11.00 -8.86 -15.83
CA GLN B 85 -10.99 -8.86 -15.83
C GLN B 85 -10.34 -7.52 -15.51
C GLN B 85 -10.34 -7.51 -15.52
N GLN B 86 -11.07 -6.64 -14.82
CA GLN B 86 -10.50 -5.34 -14.47
C GLN B 86 -9.33 -5.50 -13.50
N TYR B 87 -9.40 -6.46 -12.58
CA TYR B 87 -8.27 -6.72 -11.70
C TYR B 87 -7.05 -7.18 -12.49
N ALA B 88 -7.27 -8.03 -13.51
CA ALA B 88 -6.16 -8.51 -14.32
C ALA B 88 -5.52 -7.38 -15.11
N LEU B 89 -6.32 -6.45 -15.63
CA LEU B 89 -5.78 -5.37 -16.44
C LEU B 89 -5.01 -4.38 -15.59
N ILE B 90 -5.51 -4.07 -14.39
CA ILE B 90 -4.84 -3.12 -13.51
C ILE B 90 -3.54 -3.71 -12.98
N THR B 91 -3.54 -4.99 -12.60
CA THR B 91 -2.33 -5.62 -12.12
C THR B 91 -1.25 -5.63 -13.20
N ARG B 92 -1.62 -6.00 -14.42
CA ARG B 92 -0.67 -6.00 -15.53
C ARG B 92 -0.16 -4.59 -15.80
N LEU B 93 -1.04 -3.59 -15.68
CA LEU B 93 -0.63 -2.20 -15.91
C LEU B 93 0.39 -1.74 -14.87
N LEU B 94 0.24 -2.20 -13.62
CA LEU B 94 1.18 -1.82 -12.57
C LEU B 94 2.59 -2.35 -12.82
N TYR B 95 2.74 -3.32 -13.71
CA TYR B 95 4.05 -3.88 -14.06
C TYR B 95 4.58 -3.39 -15.39
N THR B 96 3.78 -2.65 -16.16
CA THR B 96 4.22 -2.18 -17.47
C THR B 96 5.15 -0.98 -17.31
N PRO B 97 6.40 -1.06 -17.73
CA PRO B 97 7.32 0.09 -17.59
C PRO B 97 6.79 1.31 -18.33
N ASP B 98 6.97 2.48 -17.71
CA ASP B 98 6.57 3.78 -18.24
C ASP B 98 5.06 3.89 -18.45
N ALA B 99 4.27 3.08 -17.76
CA ALA B 99 2.83 3.16 -17.90
C ALA B 99 2.23 4.33 -17.14
N GLU B 100 2.99 4.95 -16.23
CA GLU B 100 2.48 6.02 -15.36
C GLU B 100 1.25 5.55 -14.59
N ALA B 101 1.32 4.32 -14.05
CA ALA B 101 0.15 3.73 -13.42
C ALA B 101 -0.22 4.44 -12.13
N MET B 102 0.76 4.85 -11.32
CA MET B 102 0.46 5.52 -10.07
C MET B 102 -0.24 6.85 -10.32
N GLY B 103 0.23 7.63 -11.30
CA GLY B 103 -0.45 8.86 -11.66
C GLY B 103 -1.82 8.61 -12.27
N TRP B 104 -1.97 7.49 -12.98
CA TRP B 104 -3.26 7.16 -13.58
C TRP B 104 -4.28 6.75 -12.52
N LEU B 105 -3.83 6.03 -11.49
CA LEU B 105 -4.74 5.67 -10.40
C LEU B 105 -5.20 6.89 -9.63
N GLN B 106 -4.32 7.87 -9.45
CA GLN B 106 -4.66 9.05 -8.65
C GLN B 106 -5.50 10.04 -9.45
N ASN B 107 -5.17 10.27 -10.71
CA ASN B 107 -5.85 11.25 -11.55
C ASN B 107 -6.01 10.69 -12.96
N PRO B 108 -7.01 9.85 -13.17
CA PRO B 108 -7.24 9.30 -14.51
C PRO B 108 -8.05 10.24 -15.38
N ARG B 109 -7.80 10.15 -16.69
CA ARG B 109 -8.60 10.88 -17.66
C ARG B 109 -10.04 10.38 -17.61
N VAL B 110 -10.98 11.29 -17.35
CA VAL B 110 -12.37 10.95 -17.10
C VAL B 110 -13.25 11.65 -18.13
N VAL B 111 -14.08 10.87 -18.81
CA VAL B 111 -15.04 11.39 -19.79
C VAL B 111 -16.33 11.75 -19.07
N PRO B 112 -17.22 12.55 -19.67
CA PRO B 112 -18.53 12.79 -19.05
C PRO B 112 -19.35 11.53 -18.84
N GLY B 113 -19.10 10.47 -19.62
CA GLY B 113 -19.77 9.20 -19.41
C GLY B 113 -19.32 8.48 -18.16
N ASP B 114 -18.10 8.74 -17.69
CA ASP B 114 -17.61 8.09 -16.48
C ASP B 114 -18.25 8.69 -15.23
N VAL B 115 -18.35 10.02 -15.16
CA VAL B 115 -18.97 10.65 -14.00
C VAL B 115 -20.47 10.40 -13.99
N ALA B 116 -21.07 10.17 -15.15
CA ALA B 116 -22.49 9.82 -15.21
C ALA B 116 -22.73 8.44 -14.58
N LEU B 117 -21.83 7.49 -14.85
CA LEU B 117 -21.93 6.19 -14.20
C LEU B 117 -21.62 6.30 -12.72
N ASP B 118 -20.66 7.17 -12.36
CA ASP B 118 -20.38 7.43 -10.96
C ASP B 118 -21.61 7.93 -10.23
N GLN B 119 -22.26 8.95 -10.79
CA GLN B 119 -23.43 9.55 -10.14
C GLN B 119 -24.56 8.54 -9.99
N ALA B 120 -24.77 7.70 -10.99
CA ALA B 120 -25.88 6.76 -10.98
C ALA B 120 -25.73 5.69 -9.91
N CYS B 121 -24.51 5.43 -9.46
CA CYS B 121 -24.31 4.39 -8.45
C CYS B 121 -24.63 4.89 -7.04
N PHE B 122 -24.42 6.18 -6.77
CA PHE B 122 -24.78 6.73 -5.47
C PHE B 122 -26.28 6.88 -5.34
N ARG B 123 -26.98 7.15 -6.44
CA ARG B 123 -28.43 7.34 -6.36
C ARG B 123 -29.15 6.06 -5.96
N ILE B 124 -28.73 4.91 -6.51
CA ILE B 124 -29.40 3.65 -6.19
C ILE B 124 -29.05 3.18 -4.78
N SER B 125 -27.92 3.60 -4.23
CA SER B 125 -27.53 3.20 -2.89
C SER B 125 -28.38 3.88 -1.84
N SER B 133 -21.53 7.78 4.86
CA SER B 133 -20.31 7.11 5.28
C SER B 133 -19.20 7.29 4.24
N PHE B 134 -17.95 7.28 4.69
CA PHE B 134 -16.80 7.45 3.82
C PHE B 134 -16.22 6.15 3.31
N ILE B 135 -16.60 5.02 3.91
CA ILE B 135 -16.04 3.73 3.52
C ILE B 135 -16.64 3.30 2.18
N THR B 136 -15.77 3.04 1.21
CA THR B 136 -16.19 2.64 -0.13
C THR B 136 -15.71 1.27 -0.55
N GLY B 137 -14.70 0.72 0.11
CA GLY B 137 -14.15 -0.57 -0.29
C GLY B 137 -13.13 -0.50 -1.41
N SER B 138 -12.86 0.68 -1.94
CA SER B 138 -11.81 0.84 -2.96
C SER B 138 -11.34 2.27 -2.92
N VAL B 139 -10.03 2.47 -2.68
CA VAL B 139 -9.50 3.82 -2.59
C VAL B 139 -9.37 4.46 -3.98
N ALA B 140 -9.33 3.67 -5.05
CA ALA B 140 -9.32 4.18 -6.42
C ALA B 140 -10.51 3.61 -7.18
N ARG B 141 -11.19 4.48 -7.95
CA ARG B 141 -12.43 4.08 -8.61
C ARG B 141 -12.20 3.07 -9.73
N ALA B 142 -11.01 3.06 -10.33
CA ALA B 142 -10.72 2.07 -11.35
C ALA B 142 -10.56 0.67 -10.73
N VAL B 143 -10.17 0.60 -9.47
CA VAL B 143 -9.99 -0.69 -8.80
C VAL B 143 -11.35 -1.19 -8.31
N PRO B 144 -11.75 -2.42 -8.65
CA PRO B 144 -13.04 -2.94 -8.18
C PRO B 144 -13.08 -3.06 -6.66
N HIS B 145 -14.31 -3.23 -6.15
CA HIS B 145 -14.50 -3.36 -4.71
C HIS B 145 -13.65 -4.49 -4.15
N LEU B 146 -13.07 -4.26 -2.96
CA LEU B 146 -12.20 -5.25 -2.34
C LEU B 146 -12.95 -6.54 -2.02
N GLY B 147 -14.26 -6.44 -1.78
CA GLY B 147 -15.04 -7.63 -1.47
C GLY B 147 -14.96 -8.71 -2.52
N TYR B 148 -14.77 -8.32 -3.79
CA TYR B 148 -14.63 -9.31 -4.85
C TYR B 148 -13.33 -10.10 -4.71
N ALA B 149 -12.26 -9.46 -4.24
CA ALA B 149 -11.03 -10.18 -3.96
C ALA B 149 -11.17 -11.04 -2.71
N MET B 150 -11.87 -10.52 -1.69
N MET B 150 -11.87 -10.52 -1.69
CA MET B 150 -12.09 -11.28 -0.47
CA MET B 150 -12.07 -11.31 -0.47
C MET B 150 -12.97 -12.51 -0.74
C MET B 150 -12.97 -12.51 -0.73
N ALA B 151 -14.02 -12.34 -1.54
CA ALA B 151 -14.90 -13.47 -1.85
C ALA B 151 -14.18 -14.51 -2.70
N ALA B 152 -13.27 -14.08 -3.57
CA ALA B 152 -12.55 -15.00 -4.44
C ALA B 152 -11.27 -15.55 -3.81
N GLY B 153 -10.93 -15.12 -2.59
CA GLY B 153 -9.68 -15.54 -2.00
C GLY B 153 -8.48 -15.17 -2.84
N ARG B 154 -8.50 -13.97 -3.42
CA ARG B 154 -7.45 -13.50 -4.34
C ARG B 154 -6.56 -12.52 -3.59
N PHE B 155 -5.56 -13.04 -2.88
CA PHE B 155 -4.62 -12.15 -2.18
C PHE B 155 -3.78 -11.32 -3.15
N GLY B 156 -3.58 -11.83 -4.37
CA GLY B 156 -2.87 -11.06 -5.38
C GLY B 156 -3.62 -9.84 -5.88
N TRP B 157 -4.94 -9.81 -5.71
CA TRP B 157 -5.71 -8.63 -6.06
C TRP B 157 -5.59 -7.52 -5.02
N GLY B 158 -4.90 -7.77 -3.91
CA GLY B 158 -4.61 -6.70 -2.97
C GLY B 158 -3.55 -5.73 -3.45
N LEU B 159 -2.72 -6.13 -4.42
CA LEU B 159 -1.69 -5.23 -4.92
C LEU B 159 -2.30 -3.96 -5.50
N ALA B 160 -3.39 -4.12 -6.26
CA ALA B 160 -4.07 -2.96 -6.84
C ALA B 160 -4.53 -2.00 -5.76
N HIS B 161 -5.03 -2.51 -4.63
CA HIS B 161 -5.50 -1.63 -3.57
C HIS B 161 -4.32 -1.02 -2.81
N ALA B 162 -3.29 -1.82 -2.52
CA ALA B 162 -2.14 -1.29 -1.79
C ALA B 162 -1.43 -0.22 -2.61
N ALA B 163 -1.23 -0.47 -3.90
CA ALA B 163 -0.62 0.54 -4.76
C ALA B 163 -1.50 1.78 -4.87
N ALA B 164 -2.82 1.59 -5.00
CA ALA B 164 -3.71 2.73 -5.12
C ALA B 164 -3.75 3.55 -3.84
N ALA B 165 -3.62 2.91 -2.68
CA ALA B 165 -3.55 3.65 -1.43
C ALA B 165 -2.31 4.53 -1.38
N VAL B 166 -1.16 4.00 -1.82
CA VAL B 166 0.05 4.80 -1.89
C VAL B 166 -0.12 5.93 -2.90
N ALA B 167 -0.72 5.65 -4.06
CA ALA B 167 -0.88 6.66 -5.09
C ALA B 167 -1.78 7.80 -4.64
N MET B 168 -2.80 7.50 -3.82
CA MET B 168 -3.71 8.52 -3.34
C MET B 168 -3.18 9.31 -2.16
N SER B 169 -2.13 8.83 -1.50
CA SER B 169 -1.58 9.54 -0.35
C SER B 169 -0.93 10.86 -0.77
N ARG B 170 -1.06 11.86 0.10
CA ARG B 170 -0.48 13.17 -0.13
C ARG B 170 0.88 13.35 0.55
N ARG B 171 1.41 12.29 1.15
CA ARG B 171 2.64 12.40 1.92
C ARG B 171 3.90 11.99 1.14
N TYR B 172 3.73 11.47 -0.07
CA TYR B 172 4.85 11.06 -0.91
C TYR B 172 4.80 11.82 -2.23
N ASP B 173 5.98 12.17 -2.76
CA ASP B 173 6.06 12.76 -4.08
C ASP B 173 6.11 11.64 -5.13
N ARG B 174 6.32 12.01 -6.39
CA ARG B 174 6.27 11.03 -7.47
C ARG B 174 7.45 10.07 -7.41
N ALA B 175 8.64 10.58 -7.12
CA ALA B 175 9.81 9.72 -7.02
C ALA B 175 9.69 8.73 -5.86
N GLN B 176 9.13 9.19 -4.74
CA GLN B 176 8.92 8.28 -3.62
C GLN B 176 7.89 7.21 -3.96
N LYS B 177 6.82 7.59 -4.67
CA LYS B 177 5.83 6.61 -5.10
C LYS B 177 6.41 5.62 -6.10
N GLY B 178 7.37 6.04 -6.92
CA GLY B 178 8.00 5.13 -7.85
C GLY B 178 8.80 4.05 -7.16
N PHE B 179 9.51 4.41 -6.07
CA PHE B 179 10.25 3.42 -5.31
C PHE B 179 9.30 2.39 -4.70
N LEU B 180 8.17 2.85 -4.14
CA LEU B 180 7.22 1.92 -3.55
C LEU B 180 6.56 1.04 -4.59
N LEU B 181 6.43 1.54 -5.83
CA LEU B 181 5.87 0.72 -6.90
C LEU B 181 6.80 -0.45 -7.21
N THR B 182 8.10 -0.19 -7.33
CA THR B 182 9.05 -1.29 -7.55
C THR B 182 9.10 -2.21 -6.35
N SER B 183 9.02 -1.66 -5.14
CA SER B 183 8.95 -2.51 -3.94
C SER B 183 7.75 -3.43 -3.99
N LEU B 184 6.57 -2.88 -4.31
CA LEU B 184 5.38 -3.71 -4.44
C LEU B 184 5.49 -4.69 -5.60
N ARG B 185 6.15 -4.30 -6.69
CA ARG B 185 6.33 -5.20 -7.83
C ARG B 185 7.13 -6.44 -7.42
N ARG B 186 8.26 -6.23 -6.74
CA ARG B 186 9.12 -7.37 -6.39
C ARG B 186 8.46 -8.27 -5.36
N ALA B 187 7.64 -7.72 -4.47
CA ALA B 187 7.00 -8.53 -3.45
C ALA B 187 5.87 -9.37 -4.02
N TYR B 188 5.03 -8.77 -4.87
CA TYR B 188 3.85 -9.47 -5.37
C TYR B 188 4.13 -10.36 -6.57
N ALA B 189 5.29 -10.22 -7.23
CA ALA B 189 5.53 -10.99 -8.44
C ALA B 189 5.53 -12.50 -8.19
N PRO B 190 6.25 -13.05 -7.20
CA PRO B 190 6.12 -14.49 -6.94
C PRO B 190 4.75 -14.88 -6.44
N LEU B 191 4.08 -14.03 -5.68
CA LEU B 191 2.72 -14.32 -5.23
C LEU B 191 1.78 -14.46 -6.40
N LEU B 192 1.81 -13.50 -7.33
CA LEU B 192 0.89 -13.51 -8.47
C LEU B 192 1.16 -14.71 -9.38
N ALA B 193 2.43 -15.03 -9.63
CA ALA B 193 2.75 -16.17 -10.48
C ALA B 193 2.20 -17.46 -9.89
N ARG B 194 2.27 -17.62 -8.57
N ARG B 194 2.26 -17.61 -8.57
CA ARG B 194 1.78 -18.83 -7.94
CA ARG B 194 1.78 -18.83 -7.94
C ARG B 194 0.27 -18.85 -7.84
C ARG B 194 0.27 -18.85 -7.82
N GLU B 195 -0.34 -17.72 -7.41
CA GLU B 195 -1.79 -17.70 -7.22
C GLU B 195 -2.54 -17.75 -8.55
N ASN B 196 -2.06 -17.01 -9.56
CA ASN B 196 -2.75 -17.01 -10.85
C ASN B 196 -2.73 -18.38 -11.49
N ALA B 197 -1.59 -19.06 -11.43
CA ALA B 197 -1.50 -20.40 -12.02
C ALA B 197 -2.36 -21.41 -11.25
N ALA B 198 -2.51 -21.24 -9.93
CA ALA B 198 -3.29 -22.21 -9.17
C ALA B 198 -4.78 -22.02 -9.34
N LEU B 199 -5.24 -20.78 -9.52
CA LEU B 199 -6.67 -20.50 -9.63
C LEU B 199 -7.18 -20.52 -11.06
N THR B 200 -6.28 -20.61 -12.05
CA THR B 200 -6.68 -20.73 -13.45
C THR B 200 -6.25 -22.05 -14.07
N GLY B 201 -5.41 -22.83 -13.41
CA GLY B 201 -4.93 -24.10 -13.93
C GLY B 201 -3.44 -24.13 -14.22
#